data_2KAM
#
_entry.id   2KAM
#
_entity_poly.entity_id   1
_entity_poly.type   'polypeptide(L)'
_entity_poly.pdbx_seq_one_letter_code
;(FME)AQDIISTIGDLVKWIIDTVNKFTKK
;
_entity_poly.pdbx_strand_id   A
#
# COMPACT_ATOMS: atom_id res chain seq x y z
N ALA A 2 17.93 -2.05 5.08
CA ALA A 2 17.13 -3.02 5.81
C ALA A 2 15.77 -2.41 6.16
N GLN A 3 15.80 -1.20 6.73
CA GLN A 3 14.57 -0.51 7.10
C GLN A 3 13.74 -0.20 5.86
N ASP A 4 14.37 0.49 4.93
CA ASP A 4 13.72 0.88 3.69
C ASP A 4 13.15 -0.32 2.95
N ILE A 5 13.94 -1.38 2.85
CA ILE A 5 13.48 -2.59 2.17
C ILE A 5 12.27 -3.17 2.89
N ILE A 6 12.35 -3.21 4.22
CA ILE A 6 11.24 -3.70 5.02
C ILE A 6 10.07 -2.73 4.95
N SER A 7 10.39 -1.45 4.84
CA SER A 7 9.37 -0.41 4.76
C SER A 7 8.67 -0.47 3.39
N THR A 8 9.44 -0.81 2.36
CA THR A 8 8.91 -0.86 0.99
C THR A 8 7.80 -1.90 0.85
N ILE A 9 8.04 -3.10 1.37
CA ILE A 9 7.04 -4.17 1.28
C ILE A 9 5.75 -3.75 1.95
N GLY A 10 5.85 -3.29 3.18
CA GLY A 10 4.68 -2.85 3.92
C GLY A 10 4.03 -1.67 3.22
N ASP A 11 4.84 -0.81 2.62
CA ASP A 11 4.29 0.32 1.92
C ASP A 11 3.33 -0.18 0.86
N LEU A 12 3.77 -1.21 0.13
CA LEU A 12 2.95 -1.82 -0.89
C LEU A 12 1.69 -2.43 -0.29
N VAL A 13 1.82 -3.02 0.90
CA VAL A 13 0.67 -3.61 1.55
C VAL A 13 -0.39 -2.55 1.79
N LYS A 14 0.04 -1.41 2.33
CA LYS A 14 -0.88 -0.31 2.59
C LYS A 14 -1.38 0.30 1.28
N TRP A 15 -0.47 0.49 0.33
CA TRP A 15 -0.82 1.04 -0.95
C TRP A 15 -1.89 0.19 -1.63
N ILE A 16 -1.83 -1.12 -1.40
CA ILE A 16 -2.81 -2.02 -2.00
C ILE A 16 -4.20 -1.69 -1.47
N ILE A 17 -4.29 -1.50 -0.17
CA ILE A 17 -5.58 -1.17 0.45
C ILE A 17 -6.06 0.17 -0.08
N ASP A 18 -5.14 1.12 -0.16
CA ASP A 18 -5.46 2.45 -0.64
C ASP A 18 -6.01 2.36 -2.06
N THR A 19 -5.50 1.40 -2.83
CA THR A 19 -5.95 1.23 -4.20
C THR A 19 -7.37 0.67 -4.26
N VAL A 20 -7.63 -0.36 -3.46
CA VAL A 20 -8.96 -0.96 -3.42
C VAL A 20 -9.96 0.04 -2.89
N ASN A 21 -9.58 0.76 -1.85
CA ASN A 21 -10.45 1.75 -1.25
C ASN A 21 -10.81 2.83 -2.29
N LYS A 22 -9.82 3.24 -3.08
CA LYS A 22 -10.03 4.24 -4.10
C LYS A 22 -10.61 3.64 -5.37
N PHE A 23 -10.53 2.31 -5.47
CA PHE A 23 -11.05 1.62 -6.65
C PHE A 23 -12.56 1.86 -6.80
N THR A 24 -13.28 1.74 -5.69
CA THR A 24 -14.73 1.94 -5.69
C THR A 24 -15.07 3.33 -5.19
N LYS A 25 -14.19 4.28 -5.48
CA LYS A 25 -14.39 5.66 -5.05
C LYS A 25 -15.67 6.22 -5.66
N LYS A 26 -15.86 5.99 -6.95
CA LYS A 26 -17.04 6.47 -7.64
C LYS A 26 -18.30 6.19 -6.82
N ALA A 2 18.12 -1.84 4.72
CA ALA A 2 17.39 -2.89 5.41
C ALA A 2 16.04 -2.37 5.89
N GLN A 3 16.05 -1.21 6.52
CA GLN A 3 14.82 -0.61 7.01
C GLN A 3 13.89 -0.26 5.84
N ASP A 4 14.42 0.50 4.90
CA ASP A 4 13.65 0.92 3.74
C ASP A 4 13.08 -0.28 2.99
N ILE A 5 13.91 -1.30 2.77
CA ILE A 5 13.45 -2.49 2.07
C ILE A 5 12.33 -3.16 2.87
N ILE A 6 12.52 -3.25 4.18
CA ILE A 6 11.50 -3.85 5.04
C ILE A 6 10.28 -2.93 5.10
N SER A 7 10.54 -1.63 4.98
CA SER A 7 9.46 -0.63 5.00
C SER A 7 8.70 -0.63 3.67
N THR A 8 9.43 -0.90 2.59
CA THR A 8 8.84 -0.90 1.25
C THR A 8 7.72 -1.92 1.10
N ILE A 9 7.94 -3.13 1.59
CA ILE A 9 6.92 -4.18 1.48
C ILE A 9 5.62 -3.72 2.11
N GLY A 10 5.70 -3.24 3.33
CA GLY A 10 4.51 -2.78 4.03
C GLY A 10 3.89 -1.60 3.29
N ASP A 11 4.73 -0.74 2.73
CA ASP A 11 4.22 0.39 1.98
C ASP A 11 3.29 -0.13 0.89
N LEU A 12 3.75 -1.17 0.20
CA LEU A 12 2.95 -1.80 -0.85
C LEU A 12 1.68 -2.39 -0.27
N VAL A 13 1.77 -2.98 0.92
CA VAL A 13 0.59 -3.56 1.54
C VAL A 13 -0.47 -2.49 1.73
N LYS A 14 -0.06 -1.35 2.27
CA LYS A 14 -0.99 -0.24 2.49
C LYS A 14 -1.45 0.35 1.16
N TRP A 15 -0.51 0.53 0.23
CA TRP A 15 -0.84 1.08 -1.07
C TRP A 15 -1.92 0.24 -1.74
N ILE A 16 -1.87 -1.08 -1.53
CA ILE A 16 -2.85 -1.96 -2.13
C ILE A 16 -4.24 -1.65 -1.56
N ILE A 17 -4.30 -1.48 -0.25
CA ILE A 17 -5.55 -1.16 0.41
C ILE A 17 -6.07 0.19 -0.08
N ASP A 18 -5.15 1.14 -0.17
CA ASP A 18 -5.50 2.46 -0.64
C ASP A 18 -6.04 2.39 -2.05
N THR A 19 -5.51 1.45 -2.83
CA THR A 19 -5.95 1.28 -4.21
C THR A 19 -7.36 0.69 -4.27
N VAL A 20 -7.58 -0.35 -3.49
CA VAL A 20 -8.89 -1.00 -3.46
C VAL A 20 -9.95 -0.02 -2.96
N ASN A 21 -9.59 0.71 -1.91
CA ASN A 21 -10.50 1.69 -1.32
C ASN A 21 -10.87 2.76 -2.35
N LYS A 22 -9.88 3.20 -3.12
CA LYS A 22 -10.11 4.22 -4.14
C LYS A 22 -10.70 3.62 -5.41
N PHE A 23 -10.82 2.29 -5.45
CA PHE A 23 -11.37 1.62 -6.62
C PHE A 23 -12.84 1.98 -6.80
N THR A 24 -13.46 2.47 -5.73
CA THR A 24 -14.88 2.84 -5.77
C THR A 24 -15.74 1.62 -6.07
N LYS A 25 -15.68 0.65 -5.18
CA LYS A 25 -16.46 -0.58 -5.35
C LYS A 25 -17.95 -0.27 -5.34
N LYS A 26 -18.37 0.61 -4.42
CA LYS A 26 -19.78 0.98 -4.33
C LYS A 26 -20.22 1.75 -5.57
N ALA A 2 18.08 -1.19 5.21
CA ALA A 2 17.36 -2.30 5.82
C ALA A 2 15.92 -1.91 6.13
N GLN A 3 15.75 -0.78 6.81
CA GLN A 3 14.42 -0.31 7.16
C GLN A 3 13.60 -0.10 5.89
N ASP A 4 14.21 0.56 4.92
CA ASP A 4 13.55 0.85 3.66
C ASP A 4 13.05 -0.44 3.00
N ILE A 5 13.88 -1.47 3.02
CA ILE A 5 13.48 -2.75 2.43
C ILE A 5 12.26 -3.29 3.15
N ILE A 6 12.27 -3.24 4.47
CA ILE A 6 11.15 -3.70 5.27
C ILE A 6 9.98 -2.73 5.12
N SER A 7 10.29 -1.45 4.96
CA SER A 7 9.25 -0.44 4.79
C SER A 7 8.61 -0.55 3.40
N THR A 8 9.43 -0.93 2.41
CA THR A 8 8.97 -1.05 1.03
C THR A 8 7.86 -2.10 0.88
N ILE A 9 8.06 -3.26 1.50
CA ILE A 9 7.06 -4.33 1.40
C ILE A 9 5.74 -3.88 2.01
N GLY A 10 5.81 -3.37 3.22
CA GLY A 10 4.62 -2.88 3.89
C GLY A 10 4.00 -1.73 3.13
N ASP A 11 4.84 -0.90 2.51
CA ASP A 11 4.33 0.21 1.74
C ASP A 11 3.39 -0.34 0.67
N LEU A 12 3.85 -1.40 0.01
CA LEU A 12 3.04 -2.06 -1.01
C LEU A 12 1.78 -2.63 -0.41
N VAL A 13 1.88 -3.19 0.80
CA VAL A 13 0.70 -3.76 1.45
C VAL A 13 -0.36 -2.68 1.61
N LYS A 14 0.05 -1.52 2.11
CA LYS A 14 -0.87 -0.41 2.30
C LYS A 14 -1.34 0.17 0.96
N TRP A 15 -0.41 0.32 0.03
CA TRP A 15 -0.73 0.85 -1.28
C TRP A 15 -1.86 0.06 -1.91
N ILE A 16 -1.85 -1.26 -1.69
CA ILE A 16 -2.91 -2.12 -2.24
C ILE A 16 -4.26 -1.75 -1.63
N ILE A 17 -4.27 -1.56 -0.32
CA ILE A 17 -5.49 -1.18 0.39
C ILE A 17 -5.95 0.19 -0.09
N ASP A 18 -4.99 1.08 -0.24
CA ASP A 18 -5.28 2.43 -0.69
C ASP A 18 -5.93 2.38 -2.07
N THR A 19 -5.50 1.41 -2.88
CA THR A 19 -6.05 1.27 -4.23
C THR A 19 -7.48 0.78 -4.20
N VAL A 20 -7.74 -0.25 -3.39
CA VAL A 20 -9.08 -0.80 -3.27
C VAL A 20 -10.02 0.25 -2.68
N ASN A 21 -9.53 0.96 -1.66
CA ASN A 21 -10.33 1.98 -1.01
C ASN A 21 -10.72 3.06 -2.01
N LYS A 22 -9.79 3.42 -2.88
CA LYS A 22 -10.06 4.44 -3.90
C LYS A 22 -10.80 3.84 -5.09
N PHE A 23 -10.88 2.51 -5.13
CA PHE A 23 -11.57 1.83 -6.23
C PHE A 23 -13.06 1.72 -5.94
N THR A 24 -13.48 2.23 -4.79
CA THR A 24 -14.89 2.19 -4.39
C THR A 24 -15.34 3.54 -3.85
N LYS A 25 -15.09 4.59 -4.62
CA LYS A 25 -15.48 5.94 -4.21
C LYS A 25 -16.99 6.04 -4.02
N LYS A 26 -17.74 5.44 -4.94
CA LYS A 26 -19.19 5.47 -4.86
C LYS A 26 -19.68 4.94 -3.52
N ALA A 2 18.08 -1.49 4.77
CA ALA A 2 17.40 -2.57 5.48
C ALA A 2 16.02 -2.10 5.94
N GLN A 3 15.97 -0.93 6.57
CA GLN A 3 14.72 -0.37 7.05
C GLN A 3 13.80 -0.08 5.86
N ASP A 4 14.34 0.66 4.90
CA ASP A 4 13.57 1.03 3.71
C ASP A 4 13.05 -0.20 2.98
N ILE A 5 13.89 -1.21 2.82
CA ILE A 5 13.48 -2.42 2.13
C ILE A 5 12.35 -3.09 2.92
N ILE A 6 12.50 -3.15 4.23
CA ILE A 6 11.47 -3.75 5.08
C ILE A 6 10.24 -2.86 5.08
N SER A 7 10.46 -1.56 4.94
CA SER A 7 9.37 -0.59 4.91
C SER A 7 8.63 -0.64 3.56
N THR A 8 9.38 -0.94 2.50
CA THR A 8 8.83 -1.00 1.15
C THR A 8 7.73 -2.04 1.02
N ILE A 9 7.96 -3.24 1.55
CA ILE A 9 6.97 -4.30 1.47
C ILE A 9 5.65 -3.86 2.10
N GLY A 10 5.73 -3.37 3.31
CA GLY A 10 4.54 -2.91 4.02
C GLY A 10 3.90 -1.75 3.28
N ASP A 11 4.72 -0.91 2.67
CA ASP A 11 4.20 0.21 1.92
C ASP A 11 3.26 -0.33 0.85
N LEU A 12 3.72 -1.36 0.15
CA LEU A 12 2.95 -2.02 -0.89
C LEU A 12 1.68 -2.61 -0.28
N VAL A 13 1.79 -3.18 0.91
CA VAL A 13 0.62 -3.77 1.55
C VAL A 13 -0.45 -2.70 1.74
N LYS A 14 -0.05 -1.55 2.27
CA LYS A 14 -0.97 -0.45 2.48
C LYS A 14 -1.44 0.15 1.15
N TRP A 15 -0.50 0.33 0.23
CA TRP A 15 -0.82 0.88 -1.07
C TRP A 15 -1.93 0.08 -1.73
N ILE A 16 -1.92 -1.24 -1.52
CA ILE A 16 -2.95 -2.09 -2.11
C ILE A 16 -4.31 -1.71 -1.53
N ILE A 17 -4.36 -1.51 -0.22
CA ILE A 17 -5.62 -1.14 0.43
C ILE A 17 -6.07 0.22 -0.08
N ASP A 18 -5.13 1.13 -0.20
CA ASP A 18 -5.43 2.46 -0.69
C ASP A 18 -5.98 2.37 -2.11
N THR A 19 -5.47 1.40 -2.86
CA THR A 19 -5.91 1.22 -4.24
C THR A 19 -7.35 0.74 -4.30
N VAL A 20 -7.66 -0.29 -3.52
CA VAL A 20 -9.01 -0.84 -3.49
C VAL A 20 -9.98 0.20 -2.95
N ASN A 21 -9.56 0.87 -1.88
CA ASN A 21 -10.39 1.90 -1.27
C ASN A 21 -10.69 3.01 -2.27
N LYS A 22 -9.68 3.38 -3.05
CA LYS A 22 -9.85 4.43 -4.04
C LYS A 22 -10.57 3.91 -5.27
N PHE A 23 -10.65 2.58 -5.40
CA PHE A 23 -11.33 1.97 -6.53
C PHE A 23 -12.84 2.04 -6.36
N THR A 24 -13.29 2.89 -5.44
CA THR A 24 -14.71 3.05 -5.18
C THR A 24 -15.35 1.67 -4.96
N LYS A 25 -14.72 0.88 -4.08
CA LYS A 25 -15.22 -0.44 -3.76
C LYS A 25 -15.84 -1.12 -4.97
N LYS A 26 -16.91 -1.88 -4.75
CA LYS A 26 -17.58 -2.58 -5.84
C LYS A 26 -18.36 -1.60 -6.70
N ALA A 2 17.88 -2.10 5.49
CA ALA A 2 16.98 -3.03 6.16
C ALA A 2 15.64 -2.36 6.40
N GLN A 3 15.66 -1.16 6.96
CA GLN A 3 14.43 -0.43 7.23
C GLN A 3 13.68 -0.13 5.94
N ASP A 4 14.39 0.50 5.01
CA ASP A 4 13.80 0.86 3.73
C ASP A 4 13.22 -0.36 3.01
N ILE A 5 13.98 -1.45 2.98
CA ILE A 5 13.51 -2.67 2.33
C ILE A 5 12.27 -3.19 3.04
N ILE A 6 12.31 -3.18 4.37
CA ILE A 6 11.17 -3.64 5.16
C ILE A 6 10.02 -2.65 5.03
N SER A 7 10.35 -1.38 4.83
CA SER A 7 9.32 -0.35 4.67
C SER A 7 8.68 -0.45 3.29
N THR A 8 9.49 -0.84 2.30
CA THR A 8 9.02 -0.96 0.92
C THR A 8 7.89 -1.98 0.81
N ILE A 9 8.09 -3.14 1.42
CA ILE A 9 7.09 -4.20 1.36
C ILE A 9 5.79 -3.72 2.00
N GLY A 10 5.90 -3.18 3.19
CA GLY A 10 4.73 -2.67 3.90
C GLY A 10 4.09 -1.54 3.10
N ASP A 11 4.90 -0.72 2.47
CA ASP A 11 4.38 0.37 1.67
C ASP A 11 3.43 -0.21 0.63
N LEU A 12 3.86 -1.31 0.00
CA LEU A 12 3.04 -1.97 -1.01
C LEU A 12 1.77 -2.53 -0.37
N VAL A 13 1.88 -3.06 0.84
CA VAL A 13 0.70 -3.61 1.50
C VAL A 13 -0.36 -2.52 1.63
N LYS A 14 0.04 -1.35 2.10
CA LYS A 14 -0.87 -0.23 2.26
C LYS A 14 -1.35 0.30 0.90
N TRP A 15 -0.44 0.43 -0.05
CA TRP A 15 -0.78 0.92 -1.37
C TRP A 15 -1.89 0.07 -1.97
N ILE A 16 -1.86 -1.23 -1.72
CA ILE A 16 -2.89 -2.12 -2.23
C ILE A 16 -4.24 -1.78 -1.59
N ILE A 17 -4.23 -1.56 -0.29
CA ILE A 17 -5.45 -1.22 0.42
C ILE A 17 -5.94 0.12 -0.08
N ASP A 18 -5.02 1.04 -0.26
CA ASP A 18 -5.32 2.37 -0.74
C ASP A 18 -5.96 2.29 -2.13
N THR A 19 -5.53 1.30 -2.93
CA THR A 19 -6.07 1.14 -4.27
C THR A 19 -7.52 0.65 -4.23
N VAL A 20 -7.78 -0.36 -3.42
CA VAL A 20 -9.13 -0.91 -3.30
C VAL A 20 -10.05 0.13 -2.67
N ASN A 21 -9.55 0.80 -1.64
CA ASN A 21 -10.32 1.82 -0.96
C ASN A 21 -10.72 2.92 -1.94
N LYS A 22 -9.80 3.27 -2.83
CA LYS A 22 -10.06 4.29 -3.83
C LYS A 22 -10.94 3.77 -4.95
N PHE A 23 -11.02 2.44 -5.07
CA PHE A 23 -11.84 1.83 -6.11
C PHE A 23 -13.33 1.93 -5.75
N THR A 24 -13.64 2.77 -4.76
CA THR A 24 -15.02 2.95 -4.34
C THR A 24 -15.72 3.98 -5.21
N LYS A 25 -15.28 4.04 -6.46
CA LYS A 25 -15.84 4.98 -7.42
C LYS A 25 -17.32 4.68 -7.65
N LYS A 26 -17.66 3.41 -7.77
CA LYS A 26 -19.05 3.01 -7.99
C LYS A 26 -19.97 3.70 -6.98
N ALA A 2 18.10 -1.45 4.75
CA ALA A 2 17.46 -2.53 5.48
C ALA A 2 16.08 -2.09 5.96
N GLN A 3 16.03 -0.89 6.55
CA GLN A 3 14.77 -0.35 7.04
C GLN A 3 13.82 -0.08 5.89
N ASP A 4 14.31 0.66 4.91
CA ASP A 4 13.52 1.01 3.74
C ASP A 4 13.00 -0.23 3.02
N ILE A 5 13.88 -1.22 2.86
CA ILE A 5 13.47 -2.45 2.18
C ILE A 5 12.37 -3.14 3.00
N ILE A 6 12.54 -3.19 4.30
CA ILE A 6 11.54 -3.79 5.17
C ILE A 6 10.29 -2.91 5.19
N SER A 7 10.51 -1.61 5.03
CA SER A 7 9.40 -0.65 5.01
C SER A 7 8.67 -0.71 3.68
N THR A 8 9.40 -1.01 2.61
CA THR A 8 8.82 -1.06 1.27
C THR A 8 7.72 -2.10 1.14
N ILE A 9 7.95 -3.30 1.69
CA ILE A 9 6.93 -4.35 1.61
C ILE A 9 5.62 -3.87 2.19
N GLY A 10 5.68 -3.34 3.40
CA GLY A 10 4.49 -2.85 4.06
C GLY A 10 3.87 -1.71 3.26
N ASP A 11 4.71 -0.87 2.67
CA ASP A 11 4.19 0.23 1.86
C ASP A 11 3.31 -0.35 0.78
N LEU A 12 3.79 -1.40 0.14
CA LEU A 12 3.04 -2.08 -0.91
C LEU A 12 1.73 -2.63 -0.35
N VAL A 13 1.78 -3.17 0.87
CA VAL A 13 0.58 -3.70 1.47
C VAL A 13 -0.46 -2.60 1.60
N LYS A 14 -0.04 -1.46 2.14
CA LYS A 14 -0.93 -0.33 2.30
C LYS A 14 -1.36 0.24 0.95
N TRP A 15 -0.41 0.35 0.03
CA TRP A 15 -0.70 0.86 -1.29
C TRP A 15 -1.82 0.05 -1.94
N ILE A 16 -1.83 -1.25 -1.70
CA ILE A 16 -2.88 -2.11 -2.27
C ILE A 16 -4.23 -1.73 -1.68
N ILE A 17 -4.25 -1.52 -0.37
CA ILE A 17 -5.49 -1.14 0.31
C ILE A 17 -5.95 0.22 -0.17
N ASP A 18 -5.00 1.13 -0.30
CA ASP A 18 -5.32 2.47 -0.75
C ASP A 18 -5.94 2.41 -2.15
N THR A 19 -5.47 1.46 -2.95
CA THR A 19 -5.99 1.29 -4.30
C THR A 19 -7.43 0.78 -4.28
N VAL A 20 -7.68 -0.23 -3.45
CA VAL A 20 -9.01 -0.80 -3.34
C VAL A 20 -9.98 0.24 -2.79
N ASN A 21 -9.54 0.97 -1.76
CA ASN A 21 -10.38 1.99 -1.15
C ASN A 21 -10.80 3.02 -2.20
N LYS A 22 -9.85 3.45 -3.02
CA LYS A 22 -10.13 4.41 -4.07
C LYS A 22 -11.05 3.80 -5.12
N PHE A 23 -10.83 2.52 -5.42
CA PHE A 23 -11.64 1.84 -6.43
C PHE A 23 -13.12 1.88 -6.06
N THR A 24 -13.43 1.60 -4.80
CA THR A 24 -14.82 1.61 -4.33
C THR A 24 -15.15 2.94 -3.69
N LYS A 25 -14.52 3.99 -4.17
CA LYS A 25 -14.75 5.33 -3.63
C LYS A 25 -16.21 5.74 -3.84
N LYS A 26 -16.73 5.50 -5.04
CA LYS A 26 -18.10 5.86 -5.35
C LYS A 26 -19.07 4.88 -4.71
N ALA A 2 18.18 -1.57 4.72
CA ALA A 2 17.49 -2.67 5.38
C ALA A 2 16.13 -2.21 5.88
N GLN A 3 16.10 -1.07 6.55
CA GLN A 3 14.85 -0.54 7.07
C GLN A 3 13.91 -0.19 5.91
N ASP A 4 14.42 0.55 4.94
CA ASP A 4 13.63 0.96 3.79
C ASP A 4 13.08 -0.24 3.05
N ILE A 5 13.91 -1.25 2.83
CA ILE A 5 13.46 -2.45 2.12
C ILE A 5 12.35 -3.13 2.92
N ILE A 6 12.54 -3.22 4.24
CA ILE A 6 11.54 -3.84 5.10
C ILE A 6 10.31 -2.95 5.18
N SER A 7 10.50 -1.65 4.99
CA SER A 7 9.40 -0.70 5.03
C SER A 7 8.66 -0.69 3.69
N THR A 8 9.41 -0.94 2.63
CA THR A 8 8.86 -0.94 1.27
C THR A 8 7.74 -1.95 1.13
N ILE A 9 7.97 -3.16 1.65
CA ILE A 9 6.96 -4.21 1.56
C ILE A 9 5.63 -3.75 2.16
N GLY A 10 5.71 -3.22 3.36
CA GLY A 10 4.51 -2.73 4.04
C GLY A 10 3.90 -1.59 3.25
N ASP A 11 4.72 -0.74 2.66
CA ASP A 11 4.21 0.36 1.86
C ASP A 11 3.29 -0.21 0.79
N LEU A 12 3.75 -1.30 0.15
CA LEU A 12 2.97 -1.96 -0.88
C LEU A 12 1.68 -2.54 -0.29
N VAL A 13 1.77 -3.09 0.91
CA VAL A 13 0.58 -3.67 1.52
C VAL A 13 -0.49 -2.59 1.66
N LYS A 14 -0.09 -1.43 2.17
CA LYS A 14 -1.02 -0.31 2.33
C LYS A 14 -1.47 0.26 0.98
N TRP A 15 -0.53 0.41 0.06
CA TRP A 15 -0.84 0.94 -1.25
C TRP A 15 -1.97 0.13 -1.89
N ILE A 16 -1.95 -1.18 -1.67
CA ILE A 16 -2.99 -2.06 -2.22
C ILE A 16 -4.34 -1.72 -1.59
N ILE A 17 -4.34 -1.52 -0.29
CA ILE A 17 -5.57 -1.17 0.42
C ILE A 17 -6.07 0.17 -0.08
N ASP A 18 -5.12 1.09 -0.24
CA ASP A 18 -5.43 2.42 -0.72
C ASP A 18 -6.02 2.34 -2.13
N THR A 19 -5.54 1.37 -2.92
CA THR A 19 -6.02 1.21 -4.28
C THR A 19 -7.46 0.70 -4.30
N VAL A 20 -7.73 -0.34 -3.51
CA VAL A 20 -9.07 -0.91 -3.45
C VAL A 20 -10.04 0.12 -2.87
N ASN A 21 -9.60 0.80 -1.84
CA ASN A 21 -10.42 1.82 -1.20
C ASN A 21 -10.75 2.93 -2.19
N LYS A 22 -9.75 3.31 -2.99
CA LYS A 22 -9.93 4.36 -3.98
C LYS A 22 -10.54 3.79 -5.26
N PHE A 23 -10.55 2.47 -5.40
CA PHE A 23 -11.09 1.84 -6.59
C PHE A 23 -12.57 2.18 -6.75
N THR A 24 -13.32 2.07 -5.64
CA THR A 24 -14.75 2.37 -5.66
C THR A 24 -14.97 3.86 -5.45
N LYS A 25 -13.99 4.65 -5.85
CA LYS A 25 -14.08 6.11 -5.69
C LYS A 25 -14.95 6.70 -6.80
N LYS A 26 -15.82 7.63 -6.43
CA LYS A 26 -16.69 8.27 -7.40
C LYS A 26 -15.87 8.80 -8.58
N ALA A 2 18.25 -1.13 4.70
CA ALA A 2 17.61 -2.32 5.24
C ALA A 2 16.19 -1.97 5.70
N GLN A 3 16.08 -0.94 6.51
CA GLN A 3 14.77 -0.51 7.02
C GLN A 3 13.83 -0.21 5.87
N ASP A 4 14.33 0.53 4.90
CA ASP A 4 13.54 0.91 3.75
C ASP A 4 13.00 -0.34 3.03
N ILE A 5 13.85 -1.35 2.90
CA ILE A 5 13.42 -2.58 2.24
C ILE A 5 12.28 -3.21 3.02
N ILE A 6 12.43 -3.26 4.34
CA ILE A 6 11.39 -3.83 5.19
C ILE A 6 10.18 -2.90 5.23
N SER A 7 10.44 -1.61 5.05
CA SER A 7 9.37 -0.61 5.06
C SER A 7 8.63 -0.62 3.71
N THR A 8 9.38 -0.90 2.65
CA THR A 8 8.83 -0.92 1.29
C THR A 8 7.73 -1.96 1.14
N ILE A 9 7.97 -3.16 1.66
CA ILE A 9 6.99 -4.23 1.55
C ILE A 9 5.65 -3.80 2.15
N GLY A 10 5.69 -3.28 3.35
CA GLY A 10 4.49 -2.81 4.01
C GLY A 10 3.86 -1.67 3.22
N ASP A 11 4.69 -0.80 2.66
CA ASP A 11 4.16 0.30 1.87
C ASP A 11 3.26 -0.27 0.79
N LEU A 12 3.75 -1.32 0.13
CA LEU A 12 2.99 -2.00 -0.92
C LEU A 12 1.72 -2.61 -0.34
N VAL A 13 1.81 -3.17 0.87
CA VAL A 13 0.63 -3.77 1.47
C VAL A 13 -0.46 -2.72 1.62
N LYS A 14 -0.07 -1.56 2.15
CA LYS A 14 -1.02 -0.46 2.34
C LYS A 14 -1.47 0.13 1.00
N TRP A 15 -0.52 0.30 0.08
CA TRP A 15 -0.83 0.87 -1.21
C TRP A 15 -1.96 0.07 -1.87
N ILE A 16 -1.96 -1.24 -1.66
CA ILE A 16 -3.01 -2.09 -2.22
C ILE A 16 -4.36 -1.73 -1.60
N ILE A 17 -4.36 -1.55 -0.29
CA ILE A 17 -5.59 -1.20 0.42
C ILE A 17 -6.05 0.18 -0.05
N ASP A 18 -5.09 1.07 -0.19
CA ASP A 18 -5.38 2.42 -0.64
C ASP A 18 -5.96 2.39 -2.04
N THR A 19 -5.52 1.43 -2.84
CA THR A 19 -6.01 1.30 -4.22
C THR A 19 -7.43 0.78 -4.24
N VAL A 20 -7.71 -0.25 -3.46
CA VAL A 20 -9.05 -0.83 -3.41
C VAL A 20 -10.02 0.20 -2.85
N ASN A 21 -9.59 0.89 -1.80
CA ASN A 21 -10.43 1.91 -1.18
C ASN A 21 -10.75 3.01 -2.18
N LYS A 22 -9.76 3.38 -2.98
CA LYS A 22 -9.95 4.42 -4.00
C LYS A 22 -10.46 3.83 -5.30
N PHE A 23 -10.97 2.61 -5.24
CA PHE A 23 -11.49 1.95 -6.44
C PHE A 23 -12.67 2.73 -7.01
N THR A 24 -13.37 3.47 -6.15
CA THR A 24 -14.52 4.25 -6.59
C THR A 24 -14.05 5.54 -7.25
N LYS A 25 -12.83 5.52 -7.77
CA LYS A 25 -12.24 6.68 -8.45
C LYS A 25 -11.76 6.29 -9.84
N LYS A 26 -11.92 7.21 -10.79
CA LYS A 26 -11.49 6.96 -12.15
C LYS A 26 -9.98 6.77 -12.23
N ALA A 2 17.83 -2.00 5.63
CA ALA A 2 16.92 -2.94 6.27
C ALA A 2 15.56 -2.29 6.48
N GLN A 3 15.57 -1.08 7.02
CA GLN A 3 14.32 -0.35 7.27
C GLN A 3 13.61 -0.08 5.94
N ASP A 4 14.34 0.53 5.02
CA ASP A 4 13.78 0.87 3.72
C ASP A 4 13.21 -0.36 3.02
N ILE A 5 13.96 -1.46 3.03
CA ILE A 5 13.50 -2.69 2.39
C ILE A 5 12.23 -3.18 3.10
N ILE A 6 12.24 -3.13 4.42
CA ILE A 6 11.08 -3.57 5.19
C ILE A 6 9.94 -2.56 5.00
N SER A 7 10.30 -1.29 4.81
CA SER A 7 9.31 -0.25 4.61
C SER A 7 8.67 -0.40 3.22
N THR A 8 9.49 -0.81 2.25
CA THR A 8 9.02 -0.97 0.87
C THR A 8 7.91 -2.02 0.76
N ILE A 9 8.11 -3.17 1.38
CA ILE A 9 7.10 -4.23 1.32
C ILE A 9 5.79 -3.77 1.93
N GLY A 10 5.88 -3.22 3.12
CA GLY A 10 4.69 -2.73 3.81
C GLY A 10 4.06 -1.61 3.01
N ASP A 11 4.88 -0.79 2.36
CA ASP A 11 4.37 0.29 1.55
C ASP A 11 3.41 -0.29 0.53
N LEU A 12 3.85 -1.38 -0.10
CA LEU A 12 3.05 -2.06 -1.10
C LEU A 12 1.78 -2.61 -0.45
N VAL A 13 1.89 -3.13 0.77
CA VAL A 13 0.72 -3.66 1.45
C VAL A 13 -0.34 -2.57 1.61
N LYS A 14 0.09 -1.40 2.07
CA LYS A 14 -0.82 -0.27 2.24
C LYS A 14 -1.30 0.25 0.89
N TRP A 15 -0.39 0.36 -0.07
CA TRP A 15 -0.73 0.85 -1.38
C TRP A 15 -1.87 0.01 -1.97
N ILE A 16 -1.84 -1.29 -1.70
CA ILE A 16 -2.89 -2.17 -2.21
C ILE A 16 -4.23 -1.81 -1.58
N ILE A 17 -4.22 -1.58 -0.27
CA ILE A 17 -5.43 -1.22 0.44
C ILE A 17 -5.92 0.13 -0.05
N ASP A 18 -4.98 1.05 -0.23
CA ASP A 18 -5.32 2.38 -0.70
C ASP A 18 -5.97 2.28 -2.08
N THR A 19 -5.53 1.31 -2.88
CA THR A 19 -6.09 1.12 -4.22
C THR A 19 -7.54 0.66 -4.15
N VAL A 20 -7.78 -0.36 -3.32
CA VAL A 20 -9.13 -0.89 -3.18
C VAL A 20 -10.04 0.18 -2.57
N ASN A 21 -9.52 0.87 -1.57
CA ASN A 21 -10.28 1.92 -0.90
C ASN A 21 -10.66 3.01 -1.90
N LYS A 22 -9.71 3.35 -2.77
CA LYS A 22 -9.96 4.38 -3.78
C LYS A 22 -10.76 3.83 -4.95
N PHE A 23 -10.77 2.51 -5.09
CA PHE A 23 -11.50 1.88 -6.18
C PHE A 23 -13.01 2.09 -6.01
N THR A 24 -13.44 2.22 -4.76
CA THR A 24 -14.86 2.42 -4.47
C THR A 24 -15.22 3.89 -4.59
N LYS A 25 -14.45 4.62 -5.38
CA LYS A 25 -14.69 6.04 -5.59
C LYS A 25 -15.28 6.28 -6.98
N LYS A 26 -16.43 6.96 -7.03
CA LYS A 26 -17.10 7.24 -8.29
C LYS A 26 -16.17 8.01 -9.23
N ALA A 2 18.03 -2.00 4.71
CA ALA A 2 17.28 -2.97 5.48
C ALA A 2 15.95 -2.38 5.93
N GLN A 3 16.01 -1.18 6.48
CA GLN A 3 14.80 -0.52 6.95
C GLN A 3 13.88 -0.18 5.78
N ASP A 4 14.42 0.54 4.80
CA ASP A 4 13.65 0.94 3.63
C ASP A 4 13.08 -0.28 2.90
N ILE A 5 13.90 -1.31 2.73
CA ILE A 5 13.44 -2.51 2.04
C ILE A 5 12.30 -3.15 2.83
N ILE A 6 12.46 -3.22 4.14
CA ILE A 6 11.43 -3.79 4.99
C ILE A 6 10.22 -2.85 5.04
N SER A 7 10.48 -1.56 4.91
CA SER A 7 9.40 -0.57 4.92
C SER A 7 8.67 -0.54 3.58
N THR A 8 9.41 -0.80 2.51
CA THR A 8 8.86 -0.80 1.16
C THR A 8 7.76 -1.84 1.01
N ILE A 9 8.02 -3.04 1.48
CA ILE A 9 7.04 -4.12 1.40
C ILE A 9 5.74 -3.72 2.09
N GLY A 10 5.87 -3.24 3.31
CA GLY A 10 4.69 -2.83 4.06
C GLY A 10 4.01 -1.66 3.38
N ASP A 11 4.80 -0.78 2.77
CA ASP A 11 4.22 0.35 2.06
C ASP A 11 3.28 -0.18 0.99
N LEU A 12 3.72 -1.22 0.28
CA LEU A 12 2.91 -1.83 -0.77
C LEU A 12 1.66 -2.45 -0.17
N VAL A 13 1.78 -3.06 1.02
CA VAL A 13 0.63 -3.68 1.64
C VAL A 13 -0.46 -2.62 1.85
N LYS A 14 -0.06 -1.47 2.38
CA LYS A 14 -1.00 -0.38 2.62
C LYS A 14 -1.48 0.24 1.30
N TRP A 15 -0.56 0.48 0.38
CA TRP A 15 -0.90 1.06 -0.90
C TRP A 15 -1.97 0.22 -1.59
N ILE A 16 -1.92 -1.09 -1.39
CA ILE A 16 -2.90 -1.98 -1.99
C ILE A 16 -4.29 -1.67 -1.46
N ILE A 17 -4.39 -1.49 -0.15
CA ILE A 17 -5.67 -1.17 0.46
C ILE A 17 -6.14 0.17 -0.06
N ASP A 18 -5.21 1.10 -0.16
CA ASP A 18 -5.51 2.42 -0.66
C ASP A 18 -5.99 2.34 -2.12
N THR A 19 -5.46 1.37 -2.86
CA THR A 19 -5.84 1.21 -4.26
C THR A 19 -7.26 0.67 -4.38
N VAL A 20 -7.56 -0.37 -3.61
CA VAL A 20 -8.89 -0.97 -3.64
C VAL A 20 -9.92 0.03 -3.15
N ASN A 21 -9.59 0.72 -2.06
CA ASN A 21 -10.50 1.71 -1.50
C ASN A 21 -10.77 2.82 -2.50
N LYS A 22 -9.71 3.26 -3.18
CA LYS A 22 -9.84 4.31 -4.18
C LYS A 22 -10.70 3.85 -5.35
N PHE A 23 -10.54 2.58 -5.75
CA PHE A 23 -11.29 2.04 -6.86
C PHE A 23 -12.77 2.39 -6.71
N THR A 24 -13.20 2.66 -5.48
CA THR A 24 -14.59 3.00 -5.21
C THR A 24 -15.47 1.76 -5.33
N LYS A 25 -15.33 0.86 -4.37
CA LYS A 25 -16.11 -0.37 -4.38
C LYS A 25 -17.52 -0.13 -3.82
N LYS A 26 -18.50 -0.77 -4.43
CA LYS A 26 -19.89 -0.60 -4.01
C LYS A 26 -20.11 -1.26 -2.65
N ALA A 2 18.02 -1.73 4.99
CA ALA A 2 17.26 -2.74 5.74
C ALA A 2 15.89 -2.17 6.12
N GLN A 3 15.89 -0.98 6.67
CA GLN A 3 14.64 -0.34 7.08
C GLN A 3 13.77 -0.06 5.86
N ASP A 4 14.33 0.63 4.88
CA ASP A 4 13.61 0.98 3.67
C ASP A 4 13.07 -0.26 2.97
N ILE A 5 13.90 -1.29 2.85
CA ILE A 5 13.46 -2.52 2.20
C ILE A 5 12.31 -3.14 2.99
N ILE A 6 12.44 -3.16 4.31
CA ILE A 6 11.39 -3.69 5.16
C ILE A 6 10.17 -2.77 5.12
N SER A 7 10.42 -1.47 4.97
CA SER A 7 9.34 -0.50 4.90
C SER A 7 8.64 -0.55 3.54
N THR A 8 9.42 -0.86 2.50
CA THR A 8 8.90 -0.93 1.13
C THR A 8 7.80 -1.98 0.98
N ILE A 9 8.02 -3.16 1.55
CA ILE A 9 7.04 -4.23 1.45
C ILE A 9 5.71 -3.79 2.07
N GLY A 10 5.79 -3.27 3.27
CA GLY A 10 4.59 -2.80 3.95
C GLY A 10 3.95 -1.66 3.16
N ASP A 11 4.78 -0.82 2.55
CA ASP A 11 4.24 0.28 1.77
C ASP A 11 3.31 -0.29 0.71
N LEU A 12 3.77 -1.36 0.07
CA LEU A 12 2.98 -2.04 -0.95
C LEU A 12 1.71 -2.61 -0.35
N VAL A 13 1.81 -3.16 0.87
CA VAL A 13 0.63 -3.72 1.50
C VAL A 13 -0.44 -2.66 1.65
N LYS A 14 -0.03 -1.50 2.14
CA LYS A 14 -0.97 -0.39 2.32
C LYS A 14 -1.43 0.17 0.97
N TRP A 15 -0.50 0.32 0.04
CA TRP A 15 -0.83 0.84 -1.28
C TRP A 15 -1.96 0.02 -1.91
N ILE A 16 -1.95 -1.29 -1.66
CA ILE A 16 -2.99 -2.16 -2.20
C ILE A 16 -4.34 -1.80 -1.58
N ILE A 17 -4.33 -1.60 -0.27
CA ILE A 17 -5.55 -1.24 0.44
C ILE A 17 -6.02 0.12 -0.03
N ASP A 18 -5.06 1.02 -0.18
CA ASP A 18 -5.35 2.36 -0.64
C ASP A 18 -5.94 2.31 -2.04
N THR A 19 -5.48 1.35 -2.85
CA THR A 19 -5.97 1.21 -4.21
C THR A 19 -7.42 0.74 -4.23
N VAL A 20 -7.72 -0.30 -3.45
CA VAL A 20 -9.08 -0.83 -3.39
C VAL A 20 -10.01 0.22 -2.81
N ASN A 21 -9.54 0.89 -1.76
CA ASN A 21 -10.33 1.92 -1.11
C ASN A 21 -10.67 3.04 -2.10
N LYS A 22 -9.69 3.39 -2.93
CA LYS A 22 -9.89 4.45 -3.93
C LYS A 22 -10.55 3.88 -5.18
N PHE A 23 -10.56 2.56 -5.31
CA PHE A 23 -11.16 1.92 -6.47
C PHE A 23 -12.68 2.10 -6.46
N THR A 24 -13.18 2.77 -5.43
CA THR A 24 -14.60 3.02 -5.30
C THR A 24 -14.95 4.37 -5.89
N LYS A 25 -14.27 4.72 -6.98
CA LYS A 25 -14.50 5.99 -7.64
C LYS A 25 -16.00 6.21 -7.81
N LYS A 26 -16.46 7.44 -7.54
CA LYS A 26 -17.88 7.79 -7.67
C LYS A 26 -18.78 6.62 -7.31
N ALA A 2 17.96 -1.58 5.15
CA ALA A 2 17.19 -2.58 5.89
C ALA A 2 15.81 -2.03 6.23
N GLN A 3 15.78 -0.82 6.77
CA GLN A 3 14.52 -0.18 7.13
C GLN A 3 13.67 0.06 5.89
N ASP A 4 14.26 0.74 4.92
CA ASP A 4 13.58 1.06 3.67
C ASP A 4 13.07 -0.20 2.98
N ILE A 5 13.90 -1.23 2.92
CA ILE A 5 13.49 -2.47 2.28
C ILE A 5 12.31 -3.08 3.03
N ILE A 6 12.40 -3.08 4.36
CA ILE A 6 11.32 -3.60 5.19
C ILE A 6 10.10 -2.69 5.10
N SER A 7 10.36 -1.40 4.90
CA SER A 7 9.27 -0.43 4.77
C SER A 7 8.60 -0.55 3.41
N THR A 8 9.40 -0.90 2.40
CA THR A 8 8.90 -1.03 1.02
C THR A 8 7.81 -2.09 0.89
N ILE A 9 8.05 -3.25 1.50
CA ILE A 9 7.07 -4.34 1.43
C ILE A 9 5.74 -3.90 2.04
N GLY A 10 5.80 -3.36 3.23
CA GLY A 10 4.61 -2.89 3.91
C GLY A 10 3.96 -1.77 3.12
N ASP A 11 4.77 -0.93 2.50
CA ASP A 11 4.23 0.16 1.70
C ASP A 11 3.31 -0.43 0.65
N LEU A 12 3.78 -1.49 0.00
CA LEU A 12 3.01 -2.19 -1.00
C LEU A 12 1.74 -2.77 -0.39
N VAL A 13 1.85 -3.30 0.83
CA VAL A 13 0.67 -3.87 1.47
C VAL A 13 -0.41 -2.80 1.62
N LYS A 14 0.00 -1.64 2.12
CA LYS A 14 -0.92 -0.52 2.30
C LYS A 14 -1.38 0.04 0.96
N TRP A 15 -0.45 0.19 0.02
CA TRP A 15 -0.78 0.73 -1.28
C TRP A 15 -1.93 -0.07 -1.91
N ILE A 16 -1.94 -1.37 -1.66
CA ILE A 16 -3.02 -2.21 -2.20
C ILE A 16 -4.35 -1.81 -1.59
N ILE A 17 -4.36 -1.60 -0.28
CA ILE A 17 -5.57 -1.19 0.42
C ILE A 17 -5.99 0.18 -0.08
N ASP A 18 -5.02 1.05 -0.23
CA ASP A 18 -5.28 2.40 -0.71
C ASP A 18 -5.91 2.34 -2.09
N THR A 19 -5.50 1.36 -2.89
CA THR A 19 -6.05 1.20 -4.23
C THR A 19 -7.50 0.76 -4.20
N VAL A 20 -7.80 -0.25 -3.39
CA VAL A 20 -9.16 -0.76 -3.27
C VAL A 20 -10.07 0.32 -2.69
N ASN A 21 -9.56 0.98 -1.65
CA ASN A 21 -10.32 2.05 -1.00
C ASN A 21 -10.61 3.17 -1.99
N LYS A 22 -9.62 3.48 -2.82
CA LYS A 22 -9.76 4.54 -3.81
C LYS A 22 -10.49 4.04 -5.05
N PHE A 23 -10.93 2.78 -5.01
CA PHE A 23 -11.64 2.19 -6.15
C PHE A 23 -12.96 2.91 -6.39
N THR A 24 -13.67 3.23 -5.30
CA THR A 24 -14.96 3.90 -5.41
C THR A 24 -14.80 5.37 -5.81
N LYS A 25 -13.66 5.67 -6.43
CA LYS A 25 -13.37 7.02 -6.88
C LYS A 25 -13.63 7.17 -8.37
N LYS A 26 -14.00 6.06 -9.02
CA LYS A 26 -14.29 6.06 -10.44
C LYS A 26 -13.40 7.03 -11.21
N ALA A 2 18.14 -1.81 5.09
CA ALA A 2 17.32 -2.88 5.65
C ALA A 2 15.95 -2.35 6.05
N GLN A 3 15.94 -1.17 6.65
CA GLN A 3 14.69 -0.55 7.06
C GLN A 3 13.82 -0.24 5.85
N ASP A 4 14.40 0.46 4.89
CA ASP A 4 13.69 0.85 3.69
C ASP A 4 13.11 -0.38 2.99
N ILE A 5 13.90 -1.44 2.88
CA ILE A 5 13.41 -2.66 2.24
C ILE A 5 12.23 -3.23 3.02
N ILE A 6 12.36 -3.25 4.34
CA ILE A 6 11.28 -3.73 5.20
C ILE A 6 10.11 -2.76 5.15
N SER A 7 10.42 -1.48 4.97
CA SER A 7 9.39 -0.45 4.91
C SER A 7 8.68 -0.49 3.55
N THR A 8 9.44 -0.82 2.51
CA THR A 8 8.91 -0.89 1.14
C THR A 8 7.80 -1.92 1.00
N ILE A 9 8.00 -3.11 1.54
CA ILE A 9 7.01 -4.17 1.45
C ILE A 9 5.69 -3.71 2.06
N GLY A 10 5.75 -3.21 3.27
CA GLY A 10 4.56 -2.73 3.95
C GLY A 10 3.94 -1.58 3.17
N ASP A 11 4.77 -0.73 2.60
CA ASP A 11 4.25 0.39 1.82
C ASP A 11 3.34 -0.16 0.75
N LEU A 12 3.80 -1.22 0.09
CA LEU A 12 3.02 -1.87 -0.95
C LEU A 12 1.74 -2.46 -0.36
N VAL A 13 1.83 -3.02 0.84
CA VAL A 13 0.65 -3.60 1.47
C VAL A 13 -0.42 -2.52 1.64
N LYS A 14 -0.02 -1.37 2.15
CA LYS A 14 -0.95 -0.26 2.35
C LYS A 14 -1.41 0.30 1.01
N TRP A 15 -0.48 0.46 0.07
CA TRP A 15 -0.80 0.98 -1.23
C TRP A 15 -1.91 0.16 -1.88
N ILE A 16 -1.87 -1.16 -1.65
CA ILE A 16 -2.89 -2.03 -2.21
C ILE A 16 -4.25 -1.71 -1.60
N ILE A 17 -4.26 -1.53 -0.29
CA ILE A 17 -5.50 -1.20 0.41
C ILE A 17 -6.00 0.16 -0.06
N ASP A 18 -5.08 1.09 -0.19
CA ASP A 18 -5.41 2.42 -0.64
C ASP A 18 -6.01 2.36 -2.05
N THR A 19 -5.53 1.41 -2.84
CA THR A 19 -6.02 1.25 -4.21
C THR A 19 -7.42 0.69 -4.23
N VAL A 20 -7.65 -0.35 -3.44
CA VAL A 20 -8.97 -0.97 -3.36
C VAL A 20 -9.97 0.03 -2.81
N ASN A 21 -9.56 0.74 -1.77
CA ASN A 21 -10.42 1.74 -1.15
C ASN A 21 -10.81 2.82 -2.14
N LYS A 22 -9.84 3.25 -2.95
CA LYS A 22 -10.08 4.28 -3.95
C LYS A 22 -10.69 3.68 -5.22
N PHE A 23 -10.68 2.36 -5.32
CA PHE A 23 -11.24 1.70 -6.49
C PHE A 23 -12.73 2.00 -6.61
N THR A 24 -13.46 1.92 -5.49
CA THR A 24 -14.89 2.19 -5.49
C THR A 24 -15.19 3.56 -4.91
N LYS A 25 -14.15 4.33 -4.68
CA LYS A 25 -14.28 5.68 -4.13
C LYS A 25 -13.39 6.65 -4.90
N LYS A 26 -13.90 7.85 -5.17
CA LYS A 26 -13.15 8.85 -5.89
C LYS A 26 -11.75 8.99 -5.31
N ALA A 2 17.86 -1.90 5.56
CA ALA A 2 16.98 -2.87 6.21
C ALA A 2 15.60 -2.26 6.44
N GLN A 3 15.58 -1.05 6.99
CA GLN A 3 14.33 -0.36 7.24
C GLN A 3 13.61 -0.08 5.93
N ASP A 4 14.32 0.55 5.02
CA ASP A 4 13.76 0.90 3.72
C ASP A 4 13.20 -0.33 3.02
N ILE A 5 13.95 -1.43 3.01
CA ILE A 5 13.50 -2.66 2.38
C ILE A 5 12.24 -3.16 3.09
N ILE A 6 12.27 -3.14 4.41
CA ILE A 6 11.12 -3.57 5.19
C ILE A 6 9.97 -2.58 4.98
N SER A 7 10.31 -1.31 4.86
CA SER A 7 9.31 -0.28 4.64
C SER A 7 8.66 -0.42 3.26
N THR A 8 9.47 -0.81 2.28
CA THR A 8 8.99 -0.96 0.90
C THR A 8 7.88 -2.03 0.79
N ILE A 9 8.09 -3.18 1.40
CA ILE A 9 7.09 -4.25 1.32
C ILE A 9 5.78 -3.79 1.94
N GLY A 10 5.86 -3.26 3.14
CA GLY A 10 4.67 -2.77 3.83
C GLY A 10 4.04 -1.63 3.04
N ASP A 11 4.87 -0.82 2.40
CA ASP A 11 4.35 0.27 1.60
C ASP A 11 3.40 -0.31 0.56
N LEU A 12 3.85 -1.38 -0.09
CA LEU A 12 3.05 -2.08 -1.09
C LEU A 12 1.79 -2.63 -0.45
N VAL A 13 1.89 -3.14 0.77
CA VAL A 13 0.72 -3.69 1.44
C VAL A 13 -0.33 -2.60 1.59
N LYS A 14 0.09 -1.44 2.08
CA LYS A 14 -0.82 -0.32 2.26
C LYS A 14 -1.30 0.21 0.91
N TRP A 15 -0.39 0.33 -0.05
CA TRP A 15 -0.73 0.82 -1.35
C TRP A 15 -1.87 -0.01 -1.96
N ILE A 16 -1.84 -1.31 -1.70
CA ILE A 16 -2.89 -2.19 -2.21
C ILE A 16 -4.23 -1.80 -1.59
N ILE A 17 -4.22 -1.57 -0.28
CA ILE A 17 -5.43 -1.19 0.43
C ILE A 17 -5.92 0.16 -0.06
N ASP A 18 -4.99 1.08 -0.24
CA ASP A 18 -5.31 2.41 -0.70
C ASP A 18 -5.97 2.31 -2.07
N THR A 19 -5.53 1.34 -2.87
CA THR A 19 -6.08 1.14 -4.20
C THR A 19 -7.53 0.66 -4.13
N VAL A 20 -7.78 -0.34 -3.29
CA VAL A 20 -9.13 -0.87 -3.13
C VAL A 20 -10.04 0.19 -2.55
N ASN A 21 -9.55 0.91 -1.55
CA ASN A 21 -10.33 1.95 -0.90
C ASN A 21 -10.71 3.03 -1.91
N LYS A 22 -9.78 3.38 -2.79
CA LYS A 22 -10.02 4.40 -3.80
C LYS A 22 -10.79 3.82 -5.00
N PHE A 23 -11.11 2.54 -4.92
CA PHE A 23 -11.83 1.88 -6.01
C PHE A 23 -13.17 2.55 -6.25
N THR A 24 -13.89 2.85 -5.18
CA THR A 24 -15.20 3.49 -5.29
C THR A 24 -15.64 3.99 -3.93
N LYS A 25 -15.10 5.14 -3.53
CA LYS A 25 -15.43 5.73 -2.23
C LYS A 25 -16.92 5.59 -1.94
N LYS A 26 -17.75 5.80 -2.97
CA LYS A 26 -19.20 5.68 -2.80
C LYS A 26 -19.59 4.22 -2.58
N ALA A 2 17.84 -2.05 5.31
CA ALA A 2 17.00 -2.94 6.09
C ALA A 2 15.65 -2.26 6.40
N GLN A 3 15.72 -1.03 6.89
CA GLN A 3 14.52 -0.28 7.20
C GLN A 3 13.71 -0.01 5.94
N ASP A 4 14.37 0.60 4.97
CA ASP A 4 13.73 0.94 3.70
C ASP A 4 13.15 -0.30 3.02
N ILE A 5 13.93 -1.37 2.98
CA ILE A 5 13.47 -2.60 2.33
C ILE A 5 12.25 -3.13 3.07
N ILE A 6 12.32 -3.12 4.40
CA ILE A 6 11.21 -3.59 5.21
C ILE A 6 10.02 -2.62 5.07
N SER A 7 10.33 -1.35 4.86
CA SER A 7 9.29 -0.34 4.69
C SER A 7 8.63 -0.48 3.32
N THR A 8 9.44 -0.87 2.32
CA THR A 8 8.96 -1.01 0.95
C THR A 8 7.86 -2.06 0.84
N ILE A 9 8.08 -3.21 1.45
CA ILE A 9 7.09 -4.29 1.39
C ILE A 9 5.77 -3.84 2.00
N GLY A 10 5.84 -3.29 3.19
CA GLY A 10 4.65 -2.80 3.87
C GLY A 10 4.02 -1.68 3.07
N ASP A 11 4.84 -0.84 2.45
CA ASP A 11 4.31 0.25 1.65
C ASP A 11 3.39 -0.34 0.60
N LEU A 12 3.84 -1.41 -0.04
CA LEU A 12 3.05 -2.09 -1.05
C LEU A 12 1.77 -2.64 -0.43
N VAL A 13 1.86 -3.17 0.79
CA VAL A 13 0.66 -3.70 1.42
C VAL A 13 -0.38 -2.59 1.57
N LYS A 14 0.07 -1.44 2.08
CA LYS A 14 -0.82 -0.31 2.25
C LYS A 14 -1.29 0.24 0.91
N TRP A 15 -0.36 0.34 -0.04
CA TRP A 15 -0.70 0.85 -1.35
C TRP A 15 -1.84 0.03 -1.96
N ILE A 16 -1.84 -1.27 -1.70
CA ILE A 16 -2.90 -2.14 -2.23
C ILE A 16 -4.24 -1.76 -1.59
N ILE A 17 -4.23 -1.54 -0.29
CA ILE A 17 -5.44 -1.17 0.43
C ILE A 17 -5.90 0.19 -0.04
N ASP A 18 -4.95 1.09 -0.22
CA ASP A 18 -5.25 2.43 -0.68
C ASP A 18 -5.92 2.37 -2.06
N THR A 19 -5.51 1.40 -2.86
CA THR A 19 -6.07 1.24 -4.20
C THR A 19 -7.50 0.72 -4.14
N VAL A 20 -7.73 -0.31 -3.33
CA VAL A 20 -9.05 -0.88 -3.20
C VAL A 20 -10.01 0.16 -2.64
N ASN A 21 -9.54 0.89 -1.64
CA ASN A 21 -10.36 1.93 -1.03
C ASN A 21 -10.69 2.98 -2.08
N LYS A 22 -9.72 3.29 -2.92
CA LYS A 22 -9.91 4.28 -3.97
C LYS A 22 -10.99 3.81 -4.96
N PHE A 23 -11.06 2.49 -5.18
CA PHE A 23 -12.03 1.94 -6.10
C PHE A 23 -13.45 2.30 -5.69
N THR A 24 -13.73 2.16 -4.39
CA THR A 24 -15.07 2.47 -3.87
C THR A 24 -15.10 3.90 -3.33
N LYS A 25 -14.33 4.76 -3.98
CA LYS A 25 -14.27 6.16 -3.57
C LYS A 25 -15.59 6.87 -3.89
N LYS A 26 -16.08 7.65 -2.93
CA LYS A 26 -17.33 8.38 -3.12
C LYS A 26 -17.16 9.54 -4.08
N ALA A 2 17.88 -2.10 5.31
CA ALA A 2 16.99 -3.02 6.02
C ALA A 2 15.66 -2.35 6.31
N GLN A 3 15.72 -1.14 6.85
CA GLN A 3 14.51 -0.40 7.18
C GLN A 3 13.72 -0.09 5.90
N ASP A 4 14.40 0.51 4.94
CA ASP A 4 13.77 0.87 3.67
C ASP A 4 13.17 -0.35 2.98
N ILE A 5 13.93 -1.44 2.93
CA ILE A 5 13.43 -2.66 2.28
C ILE A 5 12.20 -3.15 3.03
N ILE A 6 12.27 -3.15 4.35
CA ILE A 6 11.14 -3.59 5.17
C ILE A 6 9.99 -2.60 5.04
N SER A 7 10.32 -1.33 4.84
CA SER A 7 9.30 -0.30 4.68
C SER A 7 8.65 -0.41 3.30
N THR A 8 9.45 -0.80 2.31
CA THR A 8 8.97 -0.93 0.94
C THR A 8 7.87 -1.97 0.83
N ILE A 9 8.10 -3.14 1.42
CA ILE A 9 7.11 -4.22 1.38
C ILE A 9 5.80 -3.76 2.01
N GLY A 10 5.90 -3.21 3.20
CA GLY A 10 4.72 -2.72 3.90
C GLY A 10 4.07 -1.60 3.11
N ASP A 11 4.88 -0.74 2.50
CA ASP A 11 4.32 0.34 1.71
C ASP A 11 3.39 -0.25 0.66
N LEU A 12 3.84 -1.32 0.00
CA LEU A 12 3.03 -1.99 -1.01
C LEU A 12 1.78 -2.59 -0.38
N VAL A 13 1.90 -3.14 0.83
CA VAL A 13 0.73 -3.72 1.47
C VAL A 13 -0.34 -2.66 1.63
N LYS A 14 0.07 -1.49 2.13
CA LYS A 14 -0.86 -0.38 2.33
C LYS A 14 -1.35 0.19 1.00
N TRP A 15 -0.43 0.37 0.04
CA TRP A 15 -0.79 0.90 -1.25
C TRP A 15 -1.94 0.09 -1.86
N ILE A 16 -1.91 -1.22 -1.65
CA ILE A 16 -2.97 -2.08 -2.17
C ILE A 16 -4.30 -1.72 -1.52
N ILE A 17 -4.27 -1.54 -0.21
CA ILE A 17 -5.48 -1.18 0.52
C ILE A 17 -5.96 0.17 0.04
N ASP A 18 -5.02 1.08 -0.13
CA ASP A 18 -5.32 2.42 -0.60
C ASP A 18 -5.93 2.37 -1.99
N THR A 19 -5.49 1.40 -2.80
CA THR A 19 -5.99 1.26 -4.16
C THR A 19 -7.41 0.71 -4.18
N VAL A 20 -7.66 -0.33 -3.39
CA VAL A 20 -8.98 -0.92 -3.32
C VAL A 20 -9.97 0.10 -2.79
N ASN A 21 -9.55 0.82 -1.75
CA ASN A 21 -10.39 1.84 -1.15
C ASN A 21 -10.71 2.91 -2.20
N LYS A 22 -9.70 3.25 -3.00
CA LYS A 22 -9.87 4.25 -4.05
C LYS A 22 -10.90 3.78 -5.08
N PHE A 23 -10.96 2.47 -5.32
CA PHE A 23 -11.88 1.92 -6.29
C PHE A 23 -13.31 2.31 -5.94
N THR A 24 -13.67 2.17 -4.67
CA THR A 24 -15.01 2.53 -4.22
C THR A 24 -15.17 4.04 -4.12
N LYS A 25 -14.24 4.74 -4.76
CA LYS A 25 -14.23 6.21 -4.75
C LYS A 25 -14.03 6.74 -6.17
N LYS A 26 -13.83 8.05 -6.28
CA LYS A 26 -13.62 8.66 -7.58
C LYS A 26 -12.59 7.89 -8.39
N ALA A 2 17.82 -1.74 5.30
CA ALA A 2 16.98 -2.70 6.01
C ALA A 2 15.62 -2.09 6.30
N GLN A 3 15.62 -0.88 6.82
CA GLN A 3 14.37 -0.20 7.13
C GLN A 3 13.58 0.09 5.86
N ASP A 4 14.24 0.74 4.91
CA ASP A 4 13.61 1.09 3.65
C ASP A 4 13.08 -0.15 2.93
N ILE A 5 13.90 -1.20 2.87
CA ILE A 5 13.48 -2.43 2.22
C ILE A 5 12.27 -3.02 2.95
N ILE A 6 12.33 -3.02 4.28
CA ILE A 6 11.24 -3.54 5.07
C ILE A 6 10.02 -2.61 4.96
N SER A 7 10.29 -1.31 4.79
CA SER A 7 9.21 -0.35 4.65
C SER A 7 8.54 -0.48 3.27
N THR A 8 9.36 -0.83 2.27
CA THR A 8 8.88 -0.97 0.89
C THR A 8 7.81 -2.05 0.77
N ILE A 9 8.07 -3.20 1.38
CA ILE A 9 7.11 -4.30 1.32
C ILE A 9 5.79 -3.90 1.95
N GLY A 10 5.87 -3.37 3.15
CA GLY A 10 4.69 -2.92 3.85
C GLY A 10 4.01 -1.79 3.10
N ASP A 11 4.81 -0.93 2.47
CA ASP A 11 4.24 0.16 1.70
C ASP A 11 3.29 -0.43 0.66
N LEU A 12 3.77 -1.47 0.00
CA LEU A 12 2.97 -2.16 -1.01
C LEU A 12 1.73 -2.76 -0.39
N VAL A 13 1.86 -3.32 0.81
CA VAL A 13 0.70 -3.91 1.46
C VAL A 13 -0.38 -2.84 1.64
N LYS A 14 0.02 -1.70 2.18
CA LYS A 14 -0.89 -0.59 2.41
C LYS A 14 -1.39 0.00 1.09
N TRP A 15 -0.49 0.15 0.12
CA TRP A 15 -0.84 0.71 -1.17
C TRP A 15 -2.01 -0.07 -1.79
N ILE A 16 -2.02 -1.38 -1.56
CA ILE A 16 -3.10 -2.22 -2.10
C ILE A 16 -4.43 -1.82 -1.46
N ILE A 17 -4.41 -1.61 -0.15
CA ILE A 17 -5.62 -1.20 0.56
C ILE A 17 -6.04 0.16 0.09
N ASP A 18 -5.05 1.04 -0.07
CA ASP A 18 -5.29 2.39 -0.52
C ASP A 18 -5.89 2.36 -1.93
N THR A 19 -5.47 1.38 -2.73
CA THR A 19 -5.96 1.26 -4.09
C THR A 19 -7.42 0.79 -4.12
N VAL A 20 -7.71 -0.23 -3.33
CA VAL A 20 -9.07 -0.75 -3.26
C VAL A 20 -10.00 0.32 -2.72
N ASN A 21 -9.55 1.00 -1.67
CA ASN A 21 -10.35 2.05 -1.07
C ASN A 21 -10.60 3.15 -2.09
N LYS A 22 -9.56 3.51 -2.84
CA LYS A 22 -9.67 4.55 -3.87
C LYS A 22 -10.03 3.94 -5.22
N PHE A 23 -10.83 2.88 -5.21
CA PHE A 23 -11.23 2.24 -6.46
C PHE A 23 -11.96 3.22 -7.37
N THR A 24 -12.92 3.96 -6.82
CA THR A 24 -13.68 4.92 -7.60
C THR A 24 -14.29 5.98 -6.67
N LYS A 25 -13.58 6.30 -5.60
CA LYS A 25 -14.05 7.29 -4.65
C LYS A 25 -14.15 8.67 -5.30
N LYS A 26 -13.15 9.01 -6.11
CA LYS A 26 -13.13 10.30 -6.79
C LYS A 26 -14.14 10.30 -7.94
N ALA A 2 18.35 -1.19 4.29
CA ALA A 2 17.72 -2.43 4.75
C ALA A 2 16.36 -2.12 5.38
N GLN A 3 16.31 -1.04 6.14
CA GLN A 3 15.07 -0.63 6.79
C GLN A 3 14.02 -0.27 5.75
N ASP A 4 14.40 0.59 4.82
CA ASP A 4 13.49 1.03 3.77
C ASP A 4 12.93 -0.15 2.99
N ILE A 5 13.79 -1.09 2.63
CA ILE A 5 13.33 -2.27 1.90
C ILE A 5 12.33 -3.05 2.75
N ILE A 6 12.64 -3.22 4.03
CA ILE A 6 11.75 -3.92 4.94
C ILE A 6 10.48 -3.11 5.17
N SER A 7 10.60 -1.80 5.03
CA SER A 7 9.46 -0.89 5.22
C SER A 7 8.64 -0.80 3.92
N THR A 8 9.33 -0.98 2.81
CA THR A 8 8.71 -0.89 1.48
C THR A 8 7.59 -1.92 1.35
N ILE A 9 7.87 -3.14 1.77
CA ILE A 9 6.89 -4.22 1.69
C ILE A 9 5.58 -3.81 2.31
N GLY A 10 5.65 -3.33 3.54
CA GLY A 10 4.45 -2.89 4.25
C GLY A 10 3.81 -1.72 3.53
N ASP A 11 4.63 -0.83 2.97
CA ASP A 11 4.09 0.30 2.25
C ASP A 11 3.21 -0.21 1.12
N LEU A 12 3.69 -1.25 0.42
CA LEU A 12 2.93 -1.86 -0.67
C LEU A 12 1.65 -2.48 -0.13
N VAL A 13 1.72 -3.10 1.05
CA VAL A 13 0.53 -3.73 1.61
C VAL A 13 -0.57 -2.69 1.77
N LYS A 14 -0.21 -1.54 2.35
CA LYS A 14 -1.16 -0.46 2.55
C LYS A 14 -1.58 0.17 1.22
N TRP A 15 -0.62 0.41 0.34
CA TRP A 15 -0.90 1.00 -0.95
C TRP A 15 -1.97 0.18 -1.68
N ILE A 16 -1.93 -1.13 -1.50
CA ILE A 16 -2.92 -2.00 -2.14
C ILE A 16 -4.31 -1.68 -1.61
N ILE A 17 -4.42 -1.53 -0.29
CA ILE A 17 -5.70 -1.20 0.32
C ILE A 17 -6.16 0.15 -0.17
N ASP A 18 -5.21 1.07 -0.22
CA ASP A 18 -5.48 2.43 -0.67
C ASP A 18 -6.01 2.40 -2.10
N THR A 19 -5.52 1.46 -2.90
CA THR A 19 -5.95 1.35 -4.29
C THR A 19 -7.37 0.81 -4.38
N VAL A 20 -7.65 -0.25 -3.62
CA VAL A 20 -8.98 -0.85 -3.62
C VAL A 20 -10.00 0.15 -3.11
N ASN A 21 -9.64 0.85 -2.04
CA ASN A 21 -10.52 1.84 -1.46
C ASN A 21 -10.83 2.94 -2.47
N LYS A 22 -9.81 3.34 -3.23
CA LYS A 22 -9.96 4.36 -4.25
C LYS A 22 -10.34 3.75 -5.59
N PHE A 23 -10.79 2.50 -5.58
CA PHE A 23 -11.18 1.82 -6.81
C PHE A 23 -12.30 2.59 -7.51
N THR A 24 -13.32 2.97 -6.75
CA THR A 24 -14.45 3.72 -7.30
C THR A 24 -14.61 5.06 -6.60
N LYS A 25 -13.48 5.62 -6.18
CA LYS A 25 -13.48 6.92 -5.49
C LYS A 25 -12.19 7.67 -5.78
N LYS A 26 -12.31 8.84 -6.39
CA LYS A 26 -11.15 9.65 -6.72
C LYS A 26 -10.72 10.47 -5.50
N ALA A 2 18.06 -1.40 5.10
CA ALA A 2 17.28 -2.50 5.67
C ALA A 2 15.89 -2.01 6.04
N GLN A 3 15.81 -0.81 6.60
CA GLN A 3 14.54 -0.25 7.00
C GLN A 3 13.67 0.02 5.78
N ASP A 4 14.21 0.77 4.84
CA ASP A 4 13.48 1.11 3.61
C ASP A 4 13.01 -0.15 2.89
N ILE A 5 13.88 -1.13 2.76
CA ILE A 5 13.52 -2.37 2.08
C ILE A 5 12.39 -3.05 2.85
N ILE A 6 12.51 -3.09 4.17
CA ILE A 6 11.48 -3.70 5.00
C ILE A 6 10.22 -2.83 5.00
N SER A 7 10.41 -1.52 4.85
CA SER A 7 9.27 -0.59 4.82
C SER A 7 8.57 -0.67 3.46
N THR A 8 9.37 -0.94 2.42
CA THR A 8 8.85 -1.02 1.06
C THR A 8 7.76 -2.08 0.93
N ILE A 9 8.02 -3.26 1.47
CA ILE A 9 7.06 -4.35 1.39
C ILE A 9 5.75 -3.95 2.05
N GLY A 10 5.84 -3.45 3.27
CA GLY A 10 4.66 -3.02 3.99
C GLY A 10 3.99 -1.86 3.29
N ASP A 11 4.79 -0.99 2.68
CA ASP A 11 4.24 0.13 1.95
C ASP A 11 3.29 -0.41 0.88
N LEU A 12 3.73 -1.45 0.18
CA LEU A 12 2.91 -2.08 -0.85
C LEU A 12 1.65 -2.68 -0.24
N VAL A 13 1.77 -3.27 0.95
CA VAL A 13 0.60 -3.86 1.58
C VAL A 13 -0.47 -2.79 1.79
N LYS A 14 -0.04 -1.65 2.31
CA LYS A 14 -0.96 -0.54 2.54
C LYS A 14 -1.44 0.09 1.23
N TRP A 15 -0.52 0.29 0.29
CA TRP A 15 -0.86 0.87 -0.99
C TRP A 15 -1.99 0.07 -1.65
N ILE A 16 -1.99 -1.24 -1.45
CA ILE A 16 -3.03 -2.08 -2.03
C ILE A 16 -4.39 -1.71 -1.45
N ILE A 17 -4.43 -1.50 -0.14
CA ILE A 17 -5.68 -1.13 0.52
C ILE A 17 -6.12 0.23 -0.02
N ASP A 18 -5.14 1.12 -0.15
CA ASP A 18 -5.39 2.46 -0.66
C ASP A 18 -5.92 2.38 -2.08
N THR A 19 -5.45 1.39 -2.84
CA THR A 19 -5.88 1.23 -4.22
C THR A 19 -7.32 0.75 -4.30
N VAL A 20 -7.65 -0.27 -3.53
CA VAL A 20 -9.01 -0.81 -3.51
C VAL A 20 -9.97 0.24 -2.99
N ASN A 21 -9.56 0.91 -1.91
CA ASN A 21 -10.38 1.95 -1.31
C ASN A 21 -10.62 3.07 -2.30
N LYS A 22 -9.58 3.43 -3.04
CA LYS A 22 -9.68 4.49 -4.03
C LYS A 22 -10.32 3.98 -5.32
N PHE A 23 -10.31 2.66 -5.50
CA PHE A 23 -10.90 2.06 -6.69
C PHE A 23 -12.42 2.23 -6.70
N THR A 24 -13.02 2.15 -5.51
CA THR A 24 -14.47 2.29 -5.38
C THR A 24 -14.88 3.75 -5.34
N LYS A 25 -14.05 4.59 -5.96
CA LYS A 25 -14.31 6.03 -6.01
C LYS A 25 -14.56 6.48 -7.45
N LYS A 26 -15.43 7.47 -7.62
CA LYS A 26 -15.74 7.99 -8.95
C LYS A 26 -14.52 8.64 -9.58
N ALA A 2 18.08 -1.27 5.03
CA ALA A 2 17.36 -2.36 5.68
C ALA A 2 15.96 -1.89 6.06
N GLN A 3 15.87 -0.73 6.68
CA GLN A 3 14.58 -0.19 7.08
C GLN A 3 13.70 0.08 5.86
N ASP A 4 14.25 0.80 4.91
CA ASP A 4 13.52 1.14 3.69
C ASP A 4 13.05 -0.13 2.97
N ILE A 5 13.91 -1.12 2.85
CA ILE A 5 13.53 -2.36 2.19
C ILE A 5 12.41 -3.04 2.96
N ILE A 6 12.54 -3.07 4.28
CA ILE A 6 11.51 -3.67 5.13
C ILE A 6 10.25 -2.81 5.10
N SER A 7 10.44 -1.50 4.91
CA SER A 7 9.31 -0.58 4.85
C SER A 7 8.61 -0.68 3.49
N THR A 8 9.40 -0.97 2.45
CA THR A 8 8.88 -1.07 1.09
C THR A 8 7.79 -2.13 0.97
N ILE A 9 8.03 -3.30 1.56
CA ILE A 9 7.06 -4.39 1.51
C ILE A 9 5.73 -3.95 2.12
N GLY A 10 5.81 -3.41 3.32
CA GLY A 10 4.62 -2.94 4.01
C GLY A 10 3.96 -1.82 3.23
N ASP A 11 4.78 -0.98 2.60
CA ASP A 11 4.23 0.11 1.81
C ASP A 11 3.30 -0.48 0.76
N LEU A 12 3.76 -1.54 0.11
CA LEU A 12 2.96 -2.23 -0.90
C LEU A 12 1.70 -2.82 -0.27
N VAL A 13 1.82 -3.36 0.94
CA VAL A 13 0.65 -3.94 1.58
C VAL A 13 -0.43 -2.88 1.71
N LYS A 14 -0.04 -1.71 2.20
CA LYS A 14 -0.98 -0.61 2.38
C LYS A 14 -1.44 -0.03 1.04
N TRP A 15 -0.50 0.14 0.10
CA TRP A 15 -0.83 0.68 -1.20
C TRP A 15 -1.97 -0.11 -1.83
N ILE A 16 -2.00 -1.41 -1.59
CA ILE A 16 -3.06 -2.26 -2.14
C ILE A 16 -4.41 -1.84 -1.56
N ILE A 17 -4.43 -1.62 -0.25
CA ILE A 17 -5.65 -1.21 0.41
C ILE A 17 -6.06 0.16 -0.10
N ASP A 18 -5.06 1.03 -0.25
CA ASP A 18 -5.29 2.37 -0.74
C ASP A 18 -5.88 2.32 -2.14
N THR A 19 -5.45 1.33 -2.93
CA THR A 19 -5.95 1.19 -4.29
C THR A 19 -7.42 0.80 -4.31
N VAL A 20 -7.77 -0.18 -3.50
CA VAL A 20 -9.16 -0.63 -3.42
C VAL A 20 -10.03 0.47 -2.84
N ASN A 21 -9.52 1.14 -1.82
CA ASN A 21 -10.26 2.22 -1.18
C ASN A 21 -10.58 3.30 -2.21
N LYS A 22 -9.58 3.68 -3.00
CA LYS A 22 -9.76 4.68 -4.05
C LYS A 22 -10.68 4.16 -5.15
N PHE A 23 -10.52 2.89 -5.50
CA PHE A 23 -11.33 2.29 -6.55
C PHE A 23 -12.81 2.54 -6.30
N THR A 24 -13.15 2.79 -5.04
CA THR A 24 -14.55 3.05 -4.66
C THR A 24 -14.70 4.49 -4.17
N LYS A 25 -13.89 5.37 -4.73
CA LYS A 25 -13.93 6.78 -4.34
C LYS A 25 -15.30 7.37 -4.65
N LYS A 26 -15.79 7.12 -5.87
CA LYS A 26 -17.09 7.62 -6.29
C LYS A 26 -18.21 6.67 -5.90
#